data_3R7N
#
_entry.id   3R7N
#
_cell.length_a   62.876
_cell.length_b   96.856
_cell.length_c   98.142
_cell.angle_alpha   90.00
_cell.angle_beta   90.00
_cell.angle_gamma   90.00
#
_symmetry.space_group_name_H-M   'P 21 21 21'
#
loop_
_entity.id
_entity.type
_entity.pdbx_description
1 polymer 'Caspase-2 subunit p18'
2 polymer 'Caspase-2 subunit p12'
3 polymer 'Peptide Inhibitor (ACE)DVAD-CHO'
4 water water
#
loop_
_entity_poly.entity_id
_entity_poly.type
_entity_poly.pdbx_seq_one_letter_code
_entity_poly.pdbx_strand_id
1 'polypeptide(L)'
;MQVKPCTPEFYQTHFQLAYRLQSRPRGLALVLSNVHFTGEKELEFRSGGDVDHSTLVTLFKLLGYDVHVLCDQTAQEMQE
KLQNFAQLPAHRVTDSCIVALLSHGVEGAIYGVDGKLLQLQEVFQLFDNANCPSLQNKPKMFFIQACRGDETDRGVDQQD
;
A,C
2 'polypeptide(L)'
;GKEKLPKMRLPTRSDMICGYACLKGTAAMRNTKRGSWYIEALAQVFSERACDMHVADMLVKVNALIKDREGYAPGTEFHR
CKEMSEYCSTLCRHLYLFPGHPPTLEHHHHHH
;
B,D
3 'polypeptide(L)' (ACE)DVA(ASA) F,E
#
loop_
_chem_comp.id
_chem_comp.type
_chem_comp.name
_chem_comp.formula
ACE non-polymer 'ACETYL GROUP' 'C2 H4 O'
#
# COMPACT_ATOMS: atom_id res chain seq x y z
N MET A 1 7.59 20.57 -19.44
CA MET A 1 6.95 19.24 -19.19
C MET A 1 5.99 18.90 -20.31
N GLN A 2 6.04 17.64 -20.77
CA GLN A 2 5.05 17.13 -21.69
C GLN A 2 4.59 15.76 -21.24
N VAL A 3 3.31 15.45 -21.48
CA VAL A 3 2.74 14.16 -21.14
C VAL A 3 2.39 13.45 -22.42
N LYS A 4 3.14 12.40 -22.69
CA LYS A 4 2.93 11.59 -23.87
C LYS A 4 1.52 10.98 -23.76
N PRO A 5 0.71 11.12 -24.81
CA PRO A 5 -0.65 10.60 -24.81
C PRO A 5 -0.64 9.09 -25.01
N CYS A 6 -1.60 8.38 -24.42
CA CYS A 6 -1.74 6.98 -24.77
C CYS A 6 -2.22 6.87 -26.24
N THR A 7 -2.06 5.69 -26.83
CA THR A 7 -2.60 5.42 -28.15
C THR A 7 -4.05 4.95 -28.09
N PRO A 8 -4.82 5.14 -29.17
CA PRO A 8 -6.16 4.54 -29.22
C PRO A 8 -6.14 3.02 -28.97
N GLU A 9 -5.15 2.34 -29.51
CA GLU A 9 -5.06 0.88 -29.38
C GLU A 9 -4.84 0.49 -27.92
N PHE A 10 -3.99 1.25 -27.24
CA PHE A 10 -3.74 0.96 -25.82
C PHE A 10 -5.05 1.12 -25.02
N TYR A 11 -5.79 2.20 -25.27
CA TYR A 11 -7.13 2.36 -24.69
C TYR A 11 -8.05 1.18 -24.96
N GLN A 12 -8.16 0.81 -26.24
CA GLN A 12 -9.09 -0.26 -26.62
C GLN A 12 -8.73 -1.57 -25.92
N THR A 13 -7.44 -1.84 -25.70
CA THR A 13 -7.06 -3.13 -25.14
C THR A 13 -6.97 -3.08 -23.67
N HIS A 14 -7.12 -1.90 -23.03
CA HIS A 14 -7.05 -1.83 -21.55
C HIS A 14 -8.27 -1.27 -20.80
N PHE A 15 -9.18 -0.60 -21.48
CA PHE A 15 -10.27 0.06 -20.77
C PHE A 15 -11.26 -0.90 -20.09
N GLN A 16 -11.40 -2.12 -20.57
CA GLN A 16 -12.38 -3.03 -19.95
C GLN A 16 -12.03 -3.44 -18.55
N LEU A 17 -10.73 -3.61 -18.30
CA LEU A 17 -10.24 -4.06 -16.99
C LEU A 17 -9.69 -2.90 -16.16
N ALA A 18 -10.11 -1.69 -16.44
CA ALA A 18 -9.63 -0.61 -15.66
C ALA A 18 -10.81 0.21 -15.15
N TYR A 19 -10.59 1.01 -14.14
CA TYR A 19 -11.62 2.00 -13.77
C TYR A 19 -12.01 2.80 -14.99
N ARG A 20 -13.26 3.19 -15.09
CA ARG A 20 -13.62 4.07 -16.17
C ARG A 20 -12.92 5.40 -15.99
N LEU A 21 -12.22 5.88 -17.02
CA LEU A 21 -11.47 7.12 -16.85
C LEU A 21 -11.45 7.90 -18.16
N GLN A 22 -12.58 8.49 -18.54
CA GLN A 22 -12.65 9.15 -19.85
C GLN A 22 -13.34 10.53 -19.79
N SER A 23 -13.79 10.94 -18.61
CA SER A 23 -14.50 12.20 -18.49
C SER A 23 -13.54 13.34 -18.84
N ARG A 24 -14.09 14.45 -19.31
CA ARG A 24 -13.34 15.67 -19.55
C ARG A 24 -13.94 16.79 -18.69
N PRO A 25 -13.27 17.22 -17.60
CA PRO A 25 -11.95 16.78 -17.08
C PRO A 25 -11.95 15.37 -16.45
N ARG A 26 -10.77 14.80 -16.26
CA ARG A 26 -10.66 13.45 -15.74
C ARG A 26 -11.09 13.48 -14.30
N GLY A 27 -10.98 14.66 -13.69
CA GLY A 27 -11.44 14.90 -12.31
C GLY A 27 -11.00 16.27 -11.87
N LEU A 28 -11.31 16.65 -10.63
CA LEU A 28 -10.68 17.82 -10.02
C LEU A 28 -9.44 17.35 -9.29
N ALA A 29 -8.43 18.20 -9.18
CA ALA A 29 -7.25 17.86 -8.39
C ALA A 29 -7.06 19.04 -7.43
N LEU A 30 -6.60 18.77 -6.25
CA LEU A 30 -6.33 19.85 -5.35
C LEU A 30 -4.89 19.71 -4.94
N VAL A 31 -4.18 20.83 -5.00
CA VAL A 31 -2.79 20.86 -4.59
C VAL A 31 -2.77 21.88 -3.43
N LEU A 32 -2.51 21.40 -2.23
CA LEU A 32 -2.44 22.22 -1.08
C LEU A 32 -1.01 22.27 -0.55
N SER A 33 -0.35 23.43 -0.64
CA SER A 33 1.03 23.53 -0.18
C SER A 33 1.15 24.50 0.94
N ASN A 34 1.83 24.06 2.01
CA ASN A 34 2.29 24.91 3.10
C ASN A 34 3.82 24.98 3.13
N VAL A 35 4.34 26.21 3.17
CA VAL A 35 5.75 26.49 2.96
C VAL A 35 6.28 27.40 4.12
N HIS A 36 5.46 28.37 4.55
CA HIS A 36 5.84 29.31 5.62
C HIS A 36 5.13 28.87 6.92
N PHE A 37 5.88 28.67 8.00
CA PHE A 37 5.35 28.22 9.29
C PHE A 37 5.70 29.13 10.51
N LEU A 43 9.53 24.00 12.67
CA LEU A 43 8.88 23.90 11.37
C LEU A 43 9.49 25.01 10.57
N GLU A 44 10.61 24.71 9.93
CA GLU A 44 11.38 25.68 9.16
C GLU A 44 10.68 25.95 7.82
N PHE A 45 11.00 27.07 7.19
CA PHE A 45 10.52 27.42 5.86
C PHE A 45 10.84 26.27 4.92
N ARG A 46 9.87 25.86 4.11
CA ARG A 46 10.11 24.72 3.20
C ARG A 46 10.64 25.22 1.85
N SER A 47 11.92 25.57 1.83
CA SER A 47 12.56 26.03 0.60
C SER A 47 12.45 24.93 -0.46
N GLY A 48 12.12 25.33 -1.68
CA GLY A 48 11.92 24.38 -2.78
C GLY A 48 10.46 23.96 -2.88
N GLY A 49 9.71 24.13 -1.79
CA GLY A 49 8.28 23.87 -1.78
C GLY A 49 7.49 24.48 -2.93
N ASP A 50 7.97 25.63 -3.46
CA ASP A 50 7.32 26.35 -4.59
C ASP A 50 7.54 25.58 -5.91
N VAL A 51 8.71 24.95 -6.02
CA VAL A 51 8.97 24.10 -7.19
C VAL A 51 8.00 22.91 -7.22
N ASP A 52 7.78 22.27 -6.06
CA ASP A 52 6.87 21.12 -5.95
C ASP A 52 5.46 21.49 -6.35
N HIS A 53 5.00 22.60 -5.76
CA HIS A 53 3.69 23.10 -6.04
C HIS A 53 3.49 23.35 -7.58
N SER A 54 4.36 24.14 -8.22
CA SER A 54 4.30 24.42 -9.67
C SER A 54 4.35 23.17 -10.49
N THR A 55 5.20 22.24 -10.08
CA THR A 55 5.39 21.04 -10.84
C THR A 55 4.10 20.22 -10.83
N LEU A 56 3.47 20.12 -9.67
CA LEU A 56 2.26 19.30 -9.59
C LEU A 56 1.06 19.96 -10.32
N VAL A 57 0.93 21.28 -10.20
CA VAL A 57 -0.09 22.00 -10.91
C VAL A 57 0.03 21.78 -12.37
N THR A 58 1.25 21.93 -12.90
CA THR A 58 1.49 21.68 -14.29
C THR A 58 1.20 20.21 -14.62
N LEU A 59 1.72 19.28 -13.83
CA LEU A 59 1.52 17.86 -14.11
C LEU A 59 0.03 17.52 -14.24
N PHE A 60 -0.75 17.92 -13.24
CA PHE A 60 -2.13 17.54 -13.17
C PHE A 60 -2.99 18.17 -14.26
N LYS A 61 -2.70 19.42 -14.65
CA LYS A 61 -3.38 20.02 -15.80
C LYS A 61 -3.10 19.24 -17.09
N LEU A 62 -1.86 18.84 -17.25
CA LEU A 62 -1.41 18.09 -18.46
C LEU A 62 -2.03 16.68 -18.47
N LEU A 63 -2.37 16.15 -17.31
CA LEU A 63 -3.05 14.87 -17.22
C LEU A 63 -4.59 15.04 -17.41
N GLY A 64 -5.07 16.27 -17.62
CA GLY A 64 -6.51 16.51 -17.93
C GLY A 64 -7.34 16.80 -16.67
N TYR A 65 -6.70 17.19 -15.56
CA TYR A 65 -7.46 17.51 -14.33
C TYR A 65 -7.77 19.02 -14.27
N ASP A 66 -8.88 19.39 -13.63
CA ASP A 66 -9.08 20.81 -13.29
C ASP A 66 -8.52 21.05 -11.87
N VAL A 67 -7.53 21.91 -11.79
CA VAL A 67 -6.73 22.00 -10.63
C VAL A 67 -7.10 23.16 -9.71
N HIS A 68 -7.31 22.88 -8.43
CA HIS A 68 -7.50 23.92 -7.46
C HIS A 68 -6.27 23.97 -6.58
N VAL A 69 -5.93 25.13 -6.07
CA VAL A 69 -4.71 25.27 -5.33
C VAL A 69 -5.04 25.98 -4.07
N LEU A 70 -4.33 25.62 -2.99
CA LEU A 70 -4.36 26.33 -1.73
C LEU A 70 -2.93 26.42 -1.19
N CYS A 71 -2.59 27.58 -0.65
CA CYS A 71 -1.26 27.83 -0.16
C CYS A 71 -1.34 28.32 1.28
N ASP A 72 -0.41 27.83 2.12
CA ASP A 72 -0.18 28.37 3.47
C ASP A 72 -1.46 28.51 4.30
N GLN A 73 -2.08 27.37 4.59
CA GLN A 73 -3.33 27.28 5.33
C GLN A 73 -3.14 26.69 6.75
N THR A 74 -3.96 27.14 7.69
CA THR A 74 -3.94 26.65 9.05
C THR A 74 -4.58 25.27 9.06
N ALA A 75 -4.37 24.51 10.13
CA ALA A 75 -4.97 23.19 10.18
C ALA A 75 -6.49 23.24 9.99
N GLN A 76 -7.10 24.29 10.53
CA GLN A 76 -8.56 24.40 10.49
C GLN A 76 -9.06 24.78 9.10
N GLU A 77 -8.42 25.77 8.48
CA GLU A 77 -8.61 26.07 7.09
C GLU A 77 -8.45 24.86 6.16
N MET A 78 -7.48 23.98 6.41
CA MET A 78 -7.25 22.81 5.54
C MET A 78 -8.43 21.89 5.61
N GLN A 79 -8.90 21.65 6.85
CA GLN A 79 -10.04 20.76 7.10
C GLN A 79 -11.33 21.30 6.45
N GLU A 80 -11.65 22.58 6.67
CA GLU A 80 -12.78 23.24 6.07
C GLU A 80 -12.71 23.23 4.52
N LYS A 81 -11.56 23.55 3.96
CA LYS A 81 -11.42 23.62 2.54
C LYS A 81 -11.37 22.26 1.82
N LEU A 82 -10.86 21.22 2.51
CA LEU A 82 -10.85 19.87 1.99
C LEU A 82 -12.27 19.35 1.98
N GLN A 83 -12.98 19.72 3.03
CA GLN A 83 -14.38 19.37 3.09
C GLN A 83 -15.18 20.05 1.93
N ASN A 84 -14.95 21.35 1.69
CA ASN A 84 -15.61 22.07 0.58
C ASN A 84 -15.27 21.42 -0.75
N PHE A 85 -14.01 21.09 -0.95
CA PHE A 85 -13.57 20.43 -2.19
C PHE A 85 -14.26 19.06 -2.38
N ALA A 86 -14.38 18.27 -1.31
CA ALA A 86 -14.95 16.95 -1.43
C ALA A 86 -16.45 17.04 -1.78
N GLN A 87 -17.08 18.15 -1.37
CA GLN A 87 -18.52 18.32 -1.56
C GLN A 87 -18.87 19.03 -2.93
N LEU A 88 -17.86 19.40 -3.72
CA LEU A 88 -18.18 20.05 -5.00
C LEU A 88 -19.06 19.11 -5.84
N PRO A 89 -20.08 19.68 -6.52
CA PRO A 89 -20.94 18.92 -7.45
C PRO A 89 -20.21 18.34 -8.63
N ALA A 90 -19.08 18.91 -9.02
CA ALA A 90 -18.38 18.43 -10.17
C ALA A 90 -18.05 16.95 -10.07
N HIS A 91 -17.82 16.46 -8.82
CA HIS A 91 -17.44 15.07 -8.66
C HIS A 91 -18.40 14.04 -9.25
N ARG A 92 -19.68 14.37 -9.37
CA ARG A 92 -20.63 13.41 -9.96
C ARG A 92 -20.39 13.16 -11.43
N VAL A 93 -19.87 14.13 -12.15
CA VAL A 93 -19.63 13.93 -13.60
C VAL A 93 -18.17 13.68 -13.97
N THR A 94 -17.27 13.70 -13.00
CA THR A 94 -15.90 13.26 -13.26
C THR A 94 -15.65 11.76 -12.96
N ASP A 95 -14.55 11.22 -13.46
CA ASP A 95 -14.30 9.82 -13.25
C ASP A 95 -13.31 9.49 -12.13
N SER A 96 -12.65 10.50 -11.58
CA SER A 96 -11.59 10.33 -10.59
C SER A 96 -11.34 11.62 -9.81
N CYS A 97 -10.47 11.56 -8.80
CA CYS A 97 -10.16 12.70 -7.98
C CYS A 97 -8.70 12.63 -7.52
N ILE A 98 -8.08 13.81 -7.35
CA ILE A 98 -6.71 13.92 -6.87
C ILE A 98 -6.55 14.97 -5.76
N VAL A 99 -5.83 14.60 -4.69
CA VAL A 99 -5.52 15.49 -3.61
C VAL A 99 -4.03 15.29 -3.26
N ALA A 100 -3.24 16.37 -3.40
CA ALA A 100 -1.86 16.36 -2.98
C ALA A 100 -1.76 17.37 -1.85
N LEU A 101 -1.12 16.94 -0.76
CA LEU A 101 -0.86 17.76 0.42
C LEU A 101 0.62 17.80 0.63
N LEU A 102 1.19 19.01 0.72
CA LEU A 102 2.62 19.18 0.84
C LEU A 102 2.87 20.08 2.03
N SER A 103 3.56 19.56 3.03
CA SER A 103 3.75 20.30 4.25
C SER A 103 4.71 19.58 5.20
N HIS A 104 4.84 20.07 6.44
CA HIS A 104 5.58 19.30 7.45
C HIS A 104 4.53 18.39 7.99
N GLY A 105 4.96 17.34 8.66
CA GLY A 105 4.05 16.42 9.29
C GLY A 105 4.71 15.50 10.29
N VAL A 106 3.89 14.65 10.91
CA VAL A 106 4.34 13.58 11.77
C VAL A 106 3.55 12.40 11.25
N GLU A 107 3.72 11.25 11.90
CA GLU A 107 3.09 10.05 11.40
C GLU A 107 1.57 10.18 11.55
N GLY A 108 0.83 9.89 10.48
CA GLY A 108 -0.59 10.08 10.46
C GLY A 108 -1.19 11.49 10.45
N ALA A 109 -0.38 12.56 10.42
CA ALA A 109 -0.98 13.90 10.37
C ALA A 109 -0.08 14.85 9.63
N ILE A 110 -0.63 15.96 9.16
CA ILE A 110 0.22 17.01 8.61
C ILE A 110 -0.02 18.34 9.32
N TYR A 111 0.93 19.26 9.25
CA TYR A 111 0.82 20.58 9.89
C TYR A 111 0.16 21.66 9.03
N GLY A 112 -0.65 22.51 9.68
CA GLY A 112 -1.14 23.79 9.16
C GLY A 112 -0.04 24.76 9.48
N VAL A 113 -0.04 25.90 8.81
CA VAL A 113 0.97 26.93 9.03
C VAL A 113 1.00 27.48 10.48
N ASP A 114 -0.04 27.17 11.25
CA ASP A 114 -0.10 27.64 12.65
C ASP A 114 0.54 26.63 13.60
N GLY A 115 1.15 25.59 13.06
CA GLY A 115 1.79 24.59 13.91
C GLY A 115 0.80 23.63 14.50
N LYS A 116 -0.46 23.61 14.02
CA LYS A 116 -1.38 22.56 14.46
C LYS A 116 -1.57 21.47 13.42
N LEU A 117 -2.13 20.35 13.88
CA LEU A 117 -2.13 19.11 13.13
C LEU A 117 -3.48 18.74 12.62
N LEU A 118 -3.50 18.29 11.37
CA LEU A 118 -4.67 17.69 10.74
C LEU A 118 -4.41 16.21 10.56
N GLN A 119 -5.28 15.40 11.11
CA GLN A 119 -5.11 13.95 11.01
C GLN A 119 -5.47 13.41 9.58
N LEU A 120 -4.62 12.56 9.03
CA LEU A 120 -4.83 12.01 7.69
C LEU A 120 -6.09 11.17 7.58
N GLN A 121 -6.41 10.41 8.61
CA GLN A 121 -7.67 9.71 8.66
C GLN A 121 -8.85 10.64 8.48
N GLU A 122 -8.81 11.83 9.06
CA GLU A 122 -9.90 12.78 8.88
C GLU A 122 -10.00 13.24 7.45
N VAL A 123 -8.86 13.46 6.81
CA VAL A 123 -8.82 13.75 5.39
C VAL A 123 -9.44 12.63 4.55
N PHE A 124 -8.96 11.40 4.75
CA PHE A 124 -9.45 10.31 3.90
C PHE A 124 -10.97 10.17 4.11
N GLN A 125 -11.41 10.43 5.34
CA GLN A 125 -12.82 10.26 5.65
C GLN A 125 -13.71 11.19 4.79
N LEU A 126 -13.23 12.40 4.53
CA LEU A 126 -13.96 13.39 3.76
C LEU A 126 -14.38 12.86 2.38
N PHE A 127 -13.56 11.94 1.85
CA PHE A 127 -13.66 11.42 0.49
C PHE A 127 -14.18 10.01 0.39
N ASP A 128 -14.62 9.44 1.52
CA ASP A 128 -15.05 8.06 1.60
C ASP A 128 -16.49 7.84 1.06
N ASN A 129 -16.91 6.59 1.00
CA ASN A 129 -18.19 6.26 0.38
C ASN A 129 -19.41 6.80 1.12
N ALA A 130 -19.31 7.00 2.44
CA ALA A 130 -20.39 7.60 3.18
C ALA A 130 -20.41 9.12 3.05
N ASN A 131 -19.28 9.82 3.21
CA ASN A 131 -19.27 11.29 3.11
C ASN A 131 -19.26 11.88 1.69
N CYS A 132 -18.74 11.14 0.71
CA CYS A 132 -18.59 11.68 -0.64
C CYS A 132 -19.24 10.68 -1.60
N PRO A 133 -20.56 10.50 -1.50
CA PRO A 133 -21.22 9.56 -2.41
C PRO A 133 -20.97 9.85 -3.89
N SER A 134 -20.68 11.09 -4.25
CA SER A 134 -20.42 11.37 -5.67
C SER A 134 -19.18 10.66 -6.21
N LEU A 135 -18.20 10.34 -5.34
CA LEU A 135 -17.04 9.60 -5.80
C LEU A 135 -17.10 8.08 -5.56
N GLN A 136 -18.26 7.54 -5.21
CA GLN A 136 -18.35 6.09 -4.92
C GLN A 136 -17.88 5.25 -6.07
N ASN A 137 -16.98 4.28 -5.82
CA ASN A 137 -16.48 3.39 -6.92
C ASN A 137 -15.54 4.08 -7.88
N LYS A 138 -15.15 5.34 -7.57
CA LYS A 138 -14.25 6.07 -8.46
C LYS A 138 -12.87 6.16 -7.81
N PRO A 139 -11.82 6.06 -8.60
CA PRO A 139 -10.48 5.99 -8.00
C PRO A 139 -10.13 7.33 -7.42
N LYS A 140 -9.59 7.32 -6.21
CA LYS A 140 -9.26 8.57 -5.53
C LYS A 140 -7.81 8.48 -5.13
N MET A 141 -6.99 9.34 -5.73
CA MET A 141 -5.56 9.39 -5.46
C MET A 141 -5.16 10.45 -4.43
N PHE A 142 -4.22 10.10 -3.54
CA PHE A 142 -3.67 11.07 -2.60
C PHE A 142 -2.14 10.97 -2.63
N PHE A 143 -1.46 12.12 -2.62
CA PHE A 143 -0.01 12.13 -2.58
C PHE A 143 0.38 13.07 -1.46
N ILE A 144 1.10 12.53 -0.49
CA ILE A 144 1.37 13.27 0.73
C ILE A 144 2.86 13.50 0.83
N GLN A 145 3.32 14.71 0.57
CA GLN A 145 4.72 15.07 0.77
C GLN A 145 4.84 15.71 2.14
N ALA A 146 5.28 14.98 3.16
CA ALA A 146 5.39 15.47 4.54
C ALA A 146 6.19 14.42 5.33
N CYS A 147 6.98 14.82 6.31
CA CYS A 147 7.67 13.86 7.19
C CYS A 147 6.69 13.02 7.97
N ARG A 148 7.11 11.81 8.30
CA ARG A 148 6.31 10.93 9.15
C ARG A 148 7.04 10.60 10.45
N GLY A 149 7.83 11.56 10.93
CA GLY A 149 8.76 11.33 12.02
C GLY A 149 10.04 12.14 11.80
N ASP A 150 10.83 12.28 12.86
CA ASP A 150 12.06 13.06 12.81
C ASP A 150 13.30 12.19 12.58
N GLU A 151 13.14 10.86 12.56
CA GLU A 151 14.28 9.97 12.34
C GLU A 151 14.88 10.14 10.92
N THR A 152 16.14 10.53 10.86
CA THR A 152 16.80 10.60 9.57
C THR A 152 17.30 9.21 9.23
N ASP A 153 17.03 8.72 8.02
CA ASP A 153 17.56 7.40 7.65
C ASP A 153 19.02 7.53 7.19
N ARG A 154 19.92 6.89 7.94
CA ARG A 154 21.33 6.95 7.64
C ARG A 154 21.79 6.08 6.46
N GLY A 155 20.95 5.12 6.08
CA GLY A 155 21.26 4.19 4.99
C GLY A 155 22.12 3.05 5.47
N VAL A 156 22.08 1.93 4.74
CA VAL A 156 22.99 0.82 5.08
C VAL A 156 23.82 0.34 3.86
N ASP A 157 25.02 -0.22 4.08
CA ASP A 157 25.79 -0.90 3.02
C ASP A 157 24.96 -2.15 2.68
N GLN A 158 24.47 -2.44 1.50
CA GLN A 158 24.94 -3.03 0.30
C GLN A 158 26.01 -4.13 0.40
N GLN A 159 25.55 -5.36 0.65
CA GLN A 159 26.41 -6.47 1.03
C GLN A 159 26.63 -7.40 -0.15
N LYS B 7 -29.53 -5.42 -2.55
CA LYS B 7 -28.50 -4.96 -3.54
C LYS B 7 -27.01 -5.04 -3.01
N MET B 8 -26.02 -4.86 -3.90
CA MET B 8 -24.61 -4.70 -3.50
C MET B 8 -24.33 -3.38 -2.73
N ARG B 9 -23.68 -3.49 -1.57
CA ARG B 9 -23.37 -2.30 -0.79
C ARG B 9 -21.88 -2.16 -0.75
N LEU B 10 -21.42 -1.03 -0.24
CA LEU B 10 -20.04 -0.65 -0.24
C LEU B 10 -19.48 -0.69 1.20
N PRO B 11 -18.16 -1.00 1.37
CA PRO B 11 -17.53 -0.69 2.65
C PRO B 11 -17.54 0.81 2.80
N THR B 12 -17.20 1.29 3.98
CA THR B 12 -17.19 2.71 4.22
C THR B 12 -16.14 3.44 3.38
N ARG B 13 -15.02 2.77 3.15
CA ARG B 13 -13.89 3.37 2.47
C ARG B 13 -13.31 2.37 1.48
N SER B 14 -13.16 2.77 0.20
CA SER B 14 -12.57 1.90 -0.81
C SER B 14 -12.15 2.72 -2.00
N ASP B 15 -11.44 2.10 -2.95
CA ASP B 15 -11.01 2.78 -4.21
C ASP B 15 -10.12 4.01 -4.03
N MET B 16 -9.27 3.97 -3.01
CA MET B 16 -8.25 4.99 -2.75
C MET B 16 -6.86 4.41 -2.94
N ILE B 17 -5.94 5.26 -3.37
CA ILE B 17 -4.53 4.94 -3.36
C ILE B 17 -3.82 6.15 -2.77
N CYS B 18 -2.86 5.91 -1.88
CA CYS B 18 -2.17 7.02 -1.23
C CYS B 18 -0.68 6.83 -1.36
N GLY B 19 -0.01 7.78 -2.01
CA GLY B 19 1.45 7.74 -2.13
C GLY B 19 2.09 8.53 -0.99
N TYR B 20 3.02 7.91 -0.27
CA TYR B 20 3.74 8.64 0.76
C TYR B 20 5.19 8.88 0.38
N ALA B 21 5.67 10.11 0.65
CA ALA B 21 7.04 10.47 0.37
C ALA B 21 8.02 9.63 1.20
N CYS B 22 7.63 9.13 2.36
CA CYS B 22 8.61 8.43 3.23
C CYS B 22 7.89 7.40 4.07
N LEU B 23 8.63 6.63 4.87
CA LEU B 23 8.03 5.56 5.67
C LEU B 23 7.69 6.07 7.05
N LYS B 24 6.77 5.35 7.69
CA LYS B 24 6.39 5.55 9.08
C LYS B 24 7.68 5.73 9.91
N GLY B 25 7.74 6.81 10.66
CA GLY B 25 8.80 7.06 11.62
C GLY B 25 9.94 7.88 11.06
N THR B 26 9.90 8.16 9.75
CA THR B 26 11.06 8.73 9.07
C THR B 26 10.79 10.09 8.38
N ALA B 27 11.87 10.72 7.98
CA ALA B 27 11.85 12.03 7.38
C ALA B 27 11.82 11.89 5.87
N ALA B 28 11.11 12.78 5.19
CA ALA B 28 11.12 12.85 3.72
C ALA B 28 12.12 13.92 3.34
N MET B 29 12.78 13.77 2.22
CA MET B 29 13.86 14.68 1.86
C MET B 29 13.46 15.66 0.74
N ARG B 30 13.95 16.89 0.90
CA ARG B 30 13.70 17.96 -0.02
C ARG B 30 14.98 18.73 -0.33
N ASN B 31 15.16 18.99 -1.61
CA ASN B 31 16.24 19.84 -2.07
C ASN B 31 15.78 21.32 -2.17
N THR B 32 16.57 22.17 -1.56
CA THR B 32 16.37 23.61 -1.55
C THR B 32 16.16 24.25 -2.89
N LYS B 33 16.67 23.68 -3.97
CA LYS B 33 16.38 24.18 -5.33
C LYS B 33 15.52 23.25 -6.21
N ARG B 34 15.75 21.93 -6.22
CA ARG B 34 15.03 21.01 -7.13
C ARG B 34 13.65 20.61 -6.56
N GLY B 35 13.37 21.02 -5.31
CA GLY B 35 12.23 20.55 -4.53
C GLY B 35 12.38 19.16 -3.88
N SER B 36 11.23 18.57 -3.53
CA SER B 36 11.16 17.27 -2.87
C SER B 36 11.51 16.17 -3.78
N TRP B 37 12.18 15.18 -3.24
CA TRP B 37 12.69 14.06 -4.04
C TRP B 37 11.49 13.33 -4.61
N TYR B 38 10.48 13.12 -3.75
CA TYR B 38 9.30 12.34 -4.10
C TYR B 38 8.46 13.00 -5.24
N ILE B 39 8.20 14.29 -5.13
CA ILE B 39 7.42 14.98 -6.19
C ILE B 39 8.26 15.04 -7.45
N GLU B 40 9.56 15.27 -7.32
CA GLU B 40 10.40 15.29 -8.51
C GLU B 40 10.29 13.95 -9.25
N ALA B 41 10.43 12.84 -8.51
CA ALA B 41 10.30 11.50 -9.13
C ALA B 41 8.89 11.22 -9.72
N LEU B 42 7.87 11.64 -8.97
CA LEU B 42 6.49 11.38 -9.40
C LEU B 42 6.15 12.12 -10.70
N ALA B 43 6.58 13.37 -10.78
CA ALA B 43 6.37 14.13 -12.00
C ALA B 43 7.11 13.57 -13.20
N GLN B 44 8.36 13.14 -13.00
CA GLN B 44 9.12 12.49 -14.08
C GLN B 44 8.38 11.27 -14.53
N VAL B 45 8.01 10.37 -13.60
CA VAL B 45 7.40 9.07 -13.99
C VAL B 45 6.03 9.23 -14.65
N PHE B 46 5.19 10.07 -14.03
CA PHE B 46 3.84 10.22 -14.52
C PHE B 46 3.85 10.84 -15.93
N SER B 47 4.64 11.90 -16.11
CA SER B 47 4.64 12.63 -17.39
C SER B 47 5.10 11.67 -18.47
N GLU B 48 5.98 10.78 -18.08
CA GLU B 48 6.54 9.87 -19.05
C GLU B 48 5.83 8.54 -19.26
N ARG B 49 5.16 7.99 -18.24
CA ARG B 49 4.61 6.63 -18.36
C ARG B 49 3.11 6.58 -18.19
N ALA B 50 2.46 7.70 -17.91
CA ALA B 50 1.00 7.65 -17.74
C ALA B 50 0.29 7.07 -19.01
N CYS B 51 0.90 7.28 -20.17
CA CYS B 51 0.36 6.80 -21.46
C CYS B 51 0.16 5.31 -21.54
N ASP B 52 0.94 4.55 -20.74
CA ASP B 52 0.99 3.05 -20.84
C ASP B 52 1.20 2.28 -19.54
N MET B 53 1.16 2.94 -18.40
CA MET B 53 1.37 2.27 -17.13
C MET B 53 0.28 2.70 -16.13
N HIS B 54 -0.27 1.76 -15.37
CA HIS B 54 -1.23 2.19 -14.36
C HIS B 54 -0.56 2.87 -13.15
N VAL B 55 -1.39 3.61 -12.40
CA VAL B 55 -0.89 4.46 -11.34
C VAL B 55 -0.08 3.68 -10.26
N ALA B 56 -0.61 2.56 -9.76
CA ALA B 56 0.10 1.76 -8.78
C ALA B 56 1.46 1.32 -9.36
N ASP B 57 1.49 0.93 -10.63
CA ASP B 57 2.79 0.56 -11.24
C ASP B 57 3.74 1.79 -11.38
N MET B 58 3.20 2.97 -11.68
CA MET B 58 4.05 4.18 -11.72
C MET B 58 4.64 4.52 -10.34
N LEU B 59 3.89 4.29 -9.27
CA LEU B 59 4.38 4.51 -7.92
C LEU B 59 5.46 3.48 -7.54
N VAL B 60 5.41 2.28 -8.10
CA VAL B 60 6.52 1.34 -8.00
C VAL B 60 7.77 1.96 -8.66
N LYS B 61 7.61 2.54 -9.86
CA LYS B 61 8.78 3.14 -10.54
C LYS B 61 9.35 4.27 -9.70
N VAL B 62 8.47 5.05 -9.09
CA VAL B 62 8.89 6.13 -8.21
C VAL B 62 9.66 5.54 -6.98
N ASN B 63 9.17 4.44 -6.43
CA ASN B 63 9.88 3.76 -5.34
C ASN B 63 11.31 3.45 -5.80
N ALA B 64 11.46 2.89 -7.01
CA ALA B 64 12.81 2.61 -7.54
C ALA B 64 13.76 3.85 -7.55
N LEU B 65 13.26 4.99 -8.03
CA LEU B 65 14.06 6.18 -8.10
C LEU B 65 14.42 6.65 -6.69
N ILE B 66 13.47 6.58 -5.76
CA ILE B 66 13.72 7.09 -4.39
C ILE B 66 14.77 6.25 -3.67
N LYS B 67 14.66 4.93 -3.79
CA LYS B 67 15.63 4.00 -3.20
C LYS B 67 17.09 4.29 -3.60
N ASP B 68 17.31 4.66 -4.86
CA ASP B 68 18.66 4.88 -5.35
C ASP B 68 19.18 6.29 -5.03
N ARG B 69 18.31 7.24 -4.66
CA ARG B 69 18.84 8.55 -4.33
C ARG B 69 19.49 8.65 -2.94
N GLU B 70 20.44 9.57 -2.80
CA GLU B 70 21.00 9.88 -1.49
C GLU B 70 21.27 11.37 -1.27
N GLY B 71 21.27 11.74 0.00
CA GLY B 71 21.37 13.12 0.41
C GLY B 71 22.71 13.72 0.07
N TYR B 72 22.67 14.97 -0.36
CA TYR B 72 23.89 15.71 -0.61
C TYR B 72 23.80 16.93 0.26
N ALA B 73 24.51 16.92 1.39
CA ALA B 73 24.50 18.06 2.31
C ALA B 73 25.72 18.01 3.27
N PRO B 74 26.91 18.30 2.71
CA PRO B 74 28.13 18.12 3.54
C PRO B 74 28.15 18.90 4.90
N GLY B 75 28.60 18.21 5.96
CA GLY B 75 28.77 18.80 7.28
C GLY B 75 27.49 18.82 8.08
N THR B 76 26.50 18.05 7.64
CA THR B 76 25.25 17.87 8.40
C THR B 76 24.87 16.38 8.49
N GLU B 77 23.90 16.07 9.36
CA GLU B 77 23.36 14.69 9.49
C GLU B 77 22.68 14.12 8.21
N PHE B 78 22.63 14.90 7.14
CA PHE B 78 21.85 14.56 5.94
C PHE B 78 22.75 14.14 4.80
N HIS B 79 24.05 14.38 4.95
CA HIS B 79 24.98 13.98 3.92
C HIS B 79 24.92 12.48 3.75
N ARG B 80 24.68 12.04 2.51
CA ARG B 80 24.49 10.64 2.17
C ARG B 80 23.27 9.92 2.81
N CYS B 81 22.35 10.68 3.42
CA CYS B 81 21.16 10.05 4.00
C CYS B 81 20.20 9.46 2.93
N LYS B 82 19.26 8.62 3.35
CA LYS B 82 18.36 7.90 2.45
C LYS B 82 16.91 8.10 2.80
N GLU B 83 16.01 7.69 1.92
CA GLU B 83 14.57 7.78 2.18
C GLU B 83 13.93 6.65 1.41
N MET B 84 12.78 6.17 1.89
CA MET B 84 12.01 5.24 1.07
C MET B 84 10.54 5.68 1.02
N SER B 85 10.02 5.74 -0.19
CA SER B 85 8.64 6.09 -0.42
C SER B 85 7.86 4.79 -0.33
N GLU B 86 6.54 4.88 -0.18
CA GLU B 86 5.66 3.72 -0.28
C GLU B 86 4.29 4.14 -0.81
N TYR B 87 3.47 3.18 -1.19
CA TYR B 87 2.10 3.52 -1.42
C TYR B 87 1.23 2.48 -0.78
N CYS B 88 0.01 2.90 -0.40
CA CYS B 88 -0.99 2.00 0.16
C CYS B 88 -2.21 2.01 -0.71
N SER B 89 -2.81 0.86 -0.95
CA SER B 89 -3.88 0.85 -1.91
C SER B 89 -5.11 0.05 -1.48
N THR B 90 -6.27 0.67 -1.63
CA THR B 90 -7.53 -0.05 -1.59
C THR B 90 -8.19 -0.05 -2.98
N LEU B 91 -7.40 0.14 -4.02
CA LEU B 91 -7.99 0.10 -5.38
C LEU B 91 -8.47 -1.30 -5.70
N CYS B 92 -9.44 -1.42 -6.62
CA CYS B 92 -10.08 -2.68 -6.94
C CYS B 92 -9.93 -3.03 -8.44
N ARG B 93 -9.32 -2.10 -9.18
CA ARG B 93 -9.02 -2.26 -10.61
C ARG B 93 -7.73 -1.58 -10.98
N HIS B 94 -7.19 -1.91 -12.16
CA HIS B 94 -6.19 -1.02 -12.77
C HIS B 94 -6.65 0.41 -12.86
N LEU B 95 -5.76 1.32 -12.48
CA LEU B 95 -5.98 2.76 -12.65
C LEU B 95 -5.12 3.34 -13.80
N TYR B 96 -5.67 3.39 -15.01
CA TYR B 96 -4.96 4.00 -16.14
C TYR B 96 -5.55 5.39 -16.39
N LEU B 97 -4.68 6.36 -16.55
CA LEU B 97 -5.16 7.77 -16.66
C LEU B 97 -5.54 8.10 -18.09
N PHE B 98 -5.13 7.24 -19.04
CA PHE B 98 -5.46 7.43 -20.48
C PHE B 98 -5.22 8.85 -21.02
N PRO B 99 -4.05 9.43 -20.74
CA PRO B 99 -3.87 10.83 -21.09
C PRO B 99 -4.08 11.11 -22.58
N GLY B 100 -4.82 12.18 -22.89
CA GLY B 100 -4.96 12.66 -24.27
C GLY B 100 -5.74 11.71 -25.18
N HIS B 101 -6.54 10.82 -24.60
CA HIS B 101 -7.45 9.99 -25.34
C HIS B 101 -8.89 10.31 -24.97
N PRO B 102 -9.75 10.56 -25.97
CA PRO B 102 -9.35 10.58 -27.38
C PRO B 102 -8.68 11.91 -27.73
N PRO B 103 -8.04 11.94 -28.90
CA PRO B 103 -7.30 13.12 -29.36
C PRO B 103 -8.17 14.28 -29.86
N THR B 104 -7.57 15.46 -29.87
CA THR B 104 -8.16 16.61 -30.55
C THR B 104 -7.59 16.70 -31.98
N MET C 1 -6.50 -27.89 -4.32
CA MET C 1 -5.97 -26.56 -4.82
C MET C 1 -5.08 -26.78 -6.02
N GLN C 2 -5.08 -25.85 -6.93
CA GLN C 2 -4.22 -26.02 -8.07
C GLN C 2 -3.63 -24.69 -8.47
N VAL C 3 -2.31 -24.64 -8.50
CA VAL C 3 -1.61 -23.45 -8.96
C VAL C 3 -1.31 -23.57 -10.45
N LYS C 4 -1.96 -22.73 -11.22
CA LYS C 4 -1.78 -22.80 -12.63
C LYS C 4 -0.34 -22.33 -13.02
N PRO C 5 0.39 -23.13 -13.84
CA PRO C 5 1.82 -22.79 -14.12
C PRO C 5 1.98 -21.63 -15.08
N CYS C 6 3.06 -20.86 -14.97
CA CYS C 6 3.30 -19.85 -16.00
C CYS C 6 3.91 -20.51 -17.25
N THR C 7 3.66 -19.98 -18.43
CA THR C 7 4.29 -20.48 -19.67
C THR C 7 5.73 -19.95 -19.86
N PRO C 8 6.54 -20.72 -20.62
CA PRO C 8 7.91 -20.27 -20.80
C PRO C 8 7.94 -18.96 -21.55
N GLU C 9 7.01 -18.74 -22.47
CA GLU C 9 6.96 -17.46 -23.17
C GLU C 9 6.62 -16.29 -22.25
N PHE C 10 5.72 -16.50 -21.27
CA PHE C 10 5.43 -15.46 -20.29
C PHE C 10 6.67 -15.14 -19.43
N TYR C 11 7.42 -16.17 -19.04
CA TYR C 11 8.71 -15.97 -18.41
C TYR C 11 9.65 -15.08 -19.29
N GLN C 12 9.76 -15.46 -20.58
CA GLN C 12 10.74 -14.83 -21.48
C GLN C 12 10.44 -13.37 -21.70
N THR C 13 9.16 -13.03 -21.65
CA THR C 13 8.82 -11.66 -21.95
C THR C 13 8.69 -10.80 -20.72
N HIS C 14 8.73 -11.39 -19.53
CA HIS C 14 8.55 -10.64 -18.27
C HIS C 14 9.72 -10.69 -17.30
N PHE C 15 10.67 -11.61 -17.52
CA PHE C 15 11.74 -11.77 -16.52
C PHE C 15 12.66 -10.53 -16.34
N GLN C 16 12.84 -9.74 -17.38
CA GLN C 16 13.77 -8.60 -17.39
C GLN C 16 13.29 -7.43 -16.54
N LEU C 17 11.99 -7.27 -16.33
CA LEU C 17 11.57 -6.13 -15.54
C LEU C 17 11.10 -6.49 -14.14
N ALA C 18 11.27 -7.77 -13.79
CA ALA C 18 10.75 -8.28 -12.56
C ALA C 18 11.88 -8.59 -11.59
N TYR C 19 11.57 -8.66 -10.29
CA TYR C 19 12.57 -9.18 -9.36
C TYR C 19 13.01 -10.54 -9.90
N ARG C 20 14.28 -10.83 -9.71
CA ARG C 20 14.83 -12.16 -9.90
C ARG C 20 14.09 -13.09 -8.97
N LEU C 21 13.51 -14.14 -9.54
CA LEU C 21 12.67 -15.05 -8.79
C LEU C 21 12.70 -16.40 -9.47
N GLN C 22 13.83 -17.09 -9.33
CA GLN C 22 13.95 -18.35 -10.03
C GLN C 22 14.59 -19.43 -9.20
N SER C 23 15.05 -19.09 -7.99
CA SER C 23 15.70 -20.09 -7.16
C SER C 23 14.75 -21.28 -6.77
N ARG C 24 15.35 -22.41 -6.35
CA ARG C 24 14.61 -23.58 -5.86
C ARG C 24 15.18 -23.92 -4.50
N PRO C 25 14.38 -23.77 -3.43
CA PRO C 25 13.01 -23.23 -3.38
C PRO C 25 12.97 -21.73 -3.72
N ARG C 26 11.81 -21.19 -4.10
CA ARG C 26 11.68 -19.75 -4.35
C ARG C 26 12.07 -18.90 -3.16
N GLY C 27 11.89 -19.47 -1.95
CA GLY C 27 12.22 -18.81 -0.72
C GLY C 27 11.76 -19.67 0.43
N LEU C 28 12.01 -19.22 1.64
CA LEU C 28 11.32 -19.77 2.78
C LEU C 28 10.04 -18.98 2.99
N ALA C 29 9.04 -19.68 3.49
CA ALA C 29 7.78 -19.10 3.86
C ALA C 29 7.57 -19.42 5.35
N LEU C 30 7.12 -18.47 6.14
CA LEU C 30 6.68 -18.82 7.46
C LEU C 30 5.17 -18.51 7.64
N VAL C 31 4.38 -19.53 8.04
CA VAL C 31 2.96 -19.30 8.41
C VAL C 31 2.83 -19.47 9.92
N LEU C 32 2.41 -18.42 10.59
CA LEU C 32 2.31 -18.46 12.03
C LEU C 32 0.86 -18.13 12.38
N SER C 33 0.17 -19.13 12.95
CA SER C 33 -1.25 -19.00 13.29
C SER C 33 -1.43 -19.12 14.76
N ASN C 34 -2.04 -18.10 15.34
CA ASN C 34 -2.61 -18.17 16.68
C ASN C 34 -4.15 -18.31 16.68
N VAL C 35 -4.67 -19.39 17.28
CA VAL C 35 -6.14 -19.67 17.35
C VAL C 35 -6.70 -19.78 18.78
N HIS C 36 -5.89 -20.28 19.70
CA HIS C 36 -6.32 -20.47 21.07
C HIS C 36 -5.55 -19.60 22.05
N PHE C 37 -6.25 -18.68 22.70
CA PHE C 37 -5.72 -17.62 23.55
C PHE C 37 -6.04 -17.84 25.04
N THR C 38 -5.04 -17.70 25.90
CA THR C 38 -5.23 -18.03 27.27
C THR C 38 -4.82 -16.95 28.25
N GLY C 39 -4.72 -15.70 27.85
CA GLY C 39 -4.25 -14.71 28.84
C GLY C 39 -5.30 -14.07 29.77
N GLU C 40 -4.87 -13.05 30.51
CA GLU C 40 -5.73 -12.22 31.36
C GLU C 40 -6.79 -11.57 30.48
N LYS C 41 -6.32 -11.01 29.36
CA LYS C 41 -7.13 -10.36 28.34
C LYS C 41 -7.75 -11.47 27.51
N GLU C 42 -9.05 -11.68 27.67
CA GLU C 42 -9.78 -12.75 26.97
C GLU C 42 -9.95 -12.49 25.47
N LEU C 43 -9.64 -13.50 24.66
CA LEU C 43 -9.71 -13.40 23.21
C LEU C 43 -10.30 -14.67 22.68
N GLU C 44 -11.34 -14.51 21.88
CA GLU C 44 -12.15 -15.60 21.38
C GLU C 44 -11.38 -16.58 20.48
N PHE C 45 -11.46 -17.85 20.84
CA PHE C 45 -10.94 -18.90 20.00
C PHE C 45 -11.26 -18.60 18.53
N ARG C 46 -10.29 -18.72 17.65
CA ARG C 46 -10.50 -18.31 16.22
C ARG C 46 -10.98 -19.50 15.33
N SER C 47 -12.26 -19.76 15.35
CA SER C 47 -12.82 -20.86 14.59
C SER C 47 -12.59 -20.61 13.11
N GLY C 48 -12.17 -21.64 12.38
CA GLY C 48 -11.87 -21.51 10.98
C GLY C 48 -10.43 -21.08 10.72
N GLY C 49 -9.73 -20.68 11.80
CA GLY C 49 -8.29 -20.38 11.78
C GLY C 49 -7.53 -21.60 11.29
N ASP C 50 -8.04 -22.79 11.56
CA ASP C 50 -7.45 -24.05 11.03
C ASP C 50 -7.49 -24.13 9.48
N VAL C 51 -8.61 -23.69 8.90
CA VAL C 51 -8.78 -23.67 7.42
C VAL C 51 -7.79 -22.70 6.78
N ASP C 52 -7.68 -21.47 7.29
CA ASP C 52 -6.69 -20.52 6.79
C ASP C 52 -5.27 -21.08 6.78
N HIS C 53 -4.90 -21.74 7.88
CA HIS C 53 -3.55 -22.22 8.08
C HIS C 53 -3.22 -23.33 7.06
N SER C 54 -4.06 -24.35 6.99
CA SER C 54 -3.84 -25.38 5.98
C SER C 54 -3.91 -24.82 4.53
N THR C 55 -4.77 -23.82 4.31
CA THR C 55 -4.86 -23.23 2.98
C THR C 55 -3.54 -22.50 2.60
N LEU C 56 -2.99 -21.67 3.48
CA LEU C 56 -1.70 -21.01 3.15
C LEU C 56 -0.49 -21.94 3.01
N VAL C 57 -0.39 -22.94 3.88
CA VAL C 57 0.69 -23.92 3.84
C VAL C 57 0.65 -24.59 2.46
N THR C 58 -0.51 -25.09 2.07
CA THR C 58 -0.70 -25.69 0.72
C THR C 58 -0.33 -24.67 -0.39
N LEU C 59 -0.97 -23.48 -0.37
CA LEU C 59 -0.69 -22.44 -1.38
C LEU C 59 0.81 -22.16 -1.50
N PHE C 60 1.45 -21.82 -0.38
CA PHE C 60 2.87 -21.54 -0.41
C PHE C 60 3.75 -22.73 -0.87
N LYS C 61 3.44 -23.95 -0.46
CA LYS C 61 4.14 -25.10 -1.07
C LYS C 61 3.92 -25.16 -2.58
N LEU C 62 2.67 -25.01 -3.02
CA LEU C 62 2.42 -25.09 -4.44
C LEU C 62 3.15 -23.97 -5.20
N LEU C 63 3.32 -22.80 -4.58
CA LEU C 63 4.15 -21.75 -5.21
C LEU C 63 5.70 -21.95 -5.19
N GLY C 64 6.17 -22.99 -4.51
CA GLY C 64 7.59 -23.40 -4.61
C GLY C 64 8.34 -22.92 -3.41
N TYR C 65 7.63 -22.56 -2.36
CA TYR C 65 8.25 -22.16 -1.12
C TYR C 65 8.50 -23.34 -0.20
N ASP C 66 9.54 -23.18 0.57
CA ASP C 66 9.82 -24.06 1.68
C ASP C 66 9.06 -23.58 2.91
N VAL C 67 8.05 -24.29 3.38
CA VAL C 67 7.15 -23.71 4.38
C VAL C 67 7.52 -24.13 5.80
N HIS C 68 7.83 -23.15 6.65
CA HIS C 68 7.90 -23.28 8.07
C HIS C 68 6.58 -22.85 8.75
N VAL C 69 6.22 -23.52 9.86
CA VAL C 69 4.94 -23.32 10.52
C VAL C 69 5.13 -23.08 12.01
N LEU C 70 4.31 -22.19 12.56
CA LEU C 70 4.23 -22.01 13.99
C LEU C 70 2.77 -21.80 14.34
N CYS C 71 2.35 -22.48 15.40
CA CYS C 71 1.02 -22.45 15.92
C CYS C 71 1.03 -21.99 17.38
N ASP C 72 0.14 -21.06 17.74
CA ASP C 72 -0.13 -20.76 19.18
C ASP C 72 1.12 -20.38 19.98
N GLN C 73 1.66 -19.20 19.64
CA GLN C 73 2.88 -18.66 20.21
C GLN C 73 2.55 -17.43 21.05
N THR C 74 3.34 -17.20 22.10
CA THR C 74 3.22 -15.98 22.90
C THR C 74 3.86 -14.82 22.15
N ALA C 75 3.58 -13.59 22.59
CA ALA C 75 4.21 -12.44 21.93
C ALA C 75 5.75 -12.64 21.92
N GLN C 76 6.35 -12.97 23.08
CA GLN C 76 7.81 -13.12 23.17
C GLN C 76 8.32 -14.24 22.24
N GLU C 77 7.70 -15.42 22.23
CA GLU C 77 8.03 -16.51 21.30
C GLU C 77 7.97 -16.11 19.82
N MET C 78 6.95 -15.31 19.46
CA MET C 78 6.76 -14.89 18.09
C MET C 78 7.92 -13.96 17.71
N GLN C 79 8.31 -13.07 18.60
CA GLN C 79 9.44 -12.18 18.32
C GLN C 79 10.73 -12.95 18.22
N GLU C 80 10.99 -13.88 19.13
CA GLU C 80 12.25 -14.66 19.05
C GLU C 80 12.29 -15.54 17.84
N LYS C 81 11.21 -16.23 17.56
CA LYS C 81 11.20 -17.21 16.44
C LYS C 81 11.04 -16.56 15.08
N LEU C 82 10.45 -15.38 15.03
CA LEU C 82 10.49 -14.65 13.75
C LEU C 82 11.92 -14.17 13.55
N GLN C 83 12.58 -13.78 14.64
CA GLN C 83 13.94 -13.29 14.50
C GLN C 83 14.79 -14.44 14.08
N ASN C 84 14.68 -15.57 14.75
CA ASN C 84 15.44 -16.74 14.31
C ASN C 84 15.20 -17.04 12.83
N PHE C 85 13.96 -16.89 12.37
CA PHE C 85 13.60 -17.24 11.00
C PHE C 85 14.28 -16.26 10.03
N ALA C 86 14.17 -14.99 10.32
CA ALA C 86 14.83 -13.95 9.55
C ALA C 86 16.34 -14.17 9.46
N GLN C 87 16.93 -14.69 10.50
CA GLN C 87 18.40 -14.86 10.59
C GLN C 87 18.89 -16.16 9.89
N LEU C 88 17.97 -17.02 9.46
CA LEU C 88 18.38 -18.30 8.84
C LEU C 88 19.32 -18.07 7.61
N PRO C 89 20.45 -18.84 7.53
CA PRO C 89 21.41 -18.80 6.40
C PRO C 89 20.81 -19.30 5.08
N ALA C 90 19.75 -20.11 5.11
CA ALA C 90 19.11 -20.48 3.84
C ALA C 90 18.60 -19.27 3.00
N HIS C 91 18.24 -18.14 3.63
CA HIS C 91 17.87 -16.92 2.84
C HIS C 91 18.94 -16.43 1.88
N ARG C 92 20.21 -16.69 2.19
CA ARG C 92 21.30 -16.32 1.26
C ARG C 92 21.18 -16.91 -0.14
N VAL C 93 20.60 -18.09 -0.30
CA VAL C 93 20.51 -18.70 -1.62
C VAL C 93 19.11 -18.64 -2.23
N THR C 94 18.14 -18.05 -1.54
CA THR C 94 16.82 -17.93 -2.17
C THR C 94 16.60 -16.55 -2.71
N ASP C 95 15.61 -16.41 -3.59
CA ASP C 95 15.29 -15.14 -4.20
C ASP C 95 14.20 -14.29 -3.49
N SER C 96 13.49 -14.82 -2.49
CA SER C 96 12.37 -14.08 -1.89
C SER C 96 11.98 -14.66 -0.55
N CYS C 97 10.98 -14.07 0.10
CA CYS C 97 10.58 -14.50 1.43
C CYS C 97 9.09 -14.26 1.59
N ILE C 98 8.40 -15.18 2.26
CA ILE C 98 7.00 -14.95 2.63
C ILE C 98 6.82 -15.12 4.13
N VAL C 99 6.09 -14.18 4.75
CA VAL C 99 5.64 -14.34 6.15
C VAL C 99 4.14 -14.02 6.25
N ALA C 100 3.37 -14.99 6.77
CA ALA C 100 1.94 -14.79 7.06
C ALA C 100 1.69 -14.94 8.50
N LEU C 101 0.95 -14.00 9.06
CA LEU C 101 0.65 -13.95 10.48
C LEU C 101 -0.85 -13.90 10.62
N LEU C 102 -1.41 -14.75 11.46
CA LEU C 102 -2.88 -14.89 11.59
C LEU C 102 -3.18 -14.96 13.08
N SER C 103 -3.94 -13.98 13.57
CA SER C 103 -4.12 -13.83 14.99
C SER C 103 -5.18 -12.80 15.26
N HIS C 104 -5.45 -12.56 16.54
CA HIS C 104 -6.15 -11.35 16.87
C HIS C 104 -5.14 -10.23 16.79
N GLY C 105 -5.59 -9.00 16.73
CA GLY C 105 -4.67 -7.84 16.74
C GLY C 105 -5.39 -6.53 17.02
N VAL C 106 -4.61 -5.43 17.05
CA VAL C 106 -5.11 -4.06 17.16
C VAL C 106 -4.34 -3.27 16.09
N GLU C 107 -4.69 -2.01 15.86
CA GLU C 107 -3.95 -1.20 14.89
C GLU C 107 -2.42 -1.35 15.14
N GLY C 108 -1.63 -1.76 14.13
CA GLY C 108 -0.19 -1.82 14.27
C GLY C 108 0.43 -2.95 15.09
N ALA C 109 -0.36 -3.93 15.55
CA ALA C 109 0.19 -4.99 16.43
C ALA C 109 -0.69 -6.25 16.45
N ILE C 110 -0.08 -7.38 16.77
CA ILE C 110 -0.82 -8.65 16.84
C ILE C 110 -0.68 -9.34 18.17
N TYR C 111 -1.71 -10.08 18.56
CA TYR C 111 -1.69 -10.80 19.83
C TYR C 111 -0.94 -12.11 19.77
N GLY C 112 -0.08 -12.35 20.78
CA GLY C 112 0.34 -13.71 21.08
C GLY C 112 -0.79 -14.40 21.85
N VAL C 113 -0.68 -15.70 22.03
CA VAL C 113 -1.71 -16.49 22.75
C VAL C 113 -1.81 -16.07 24.22
N ASP C 114 -0.75 -15.40 24.73
CA ASP C 114 -0.78 -14.85 26.10
C ASP C 114 -1.55 -13.54 26.25
N GLY C 115 -2.11 -13.04 25.15
CA GLY C 115 -2.82 -11.75 25.21
C GLY C 115 -1.93 -10.53 25.30
N LYS C 116 -0.65 -10.72 24.96
CA LYS C 116 0.34 -9.62 24.89
C LYS C 116 0.61 -9.25 23.43
N LEU C 117 0.96 -7.99 23.20
CA LEU C 117 1.06 -7.51 21.83
C LEU C 117 2.47 -7.53 21.32
N LEU C 118 2.64 -7.94 20.05
CA LEU C 118 3.89 -7.75 19.27
C LEU C 118 3.68 -6.69 18.17
N GLN C 119 4.44 -5.58 18.24
CA GLN C 119 4.25 -4.50 17.26
C GLN C 119 4.69 -4.95 15.87
N LEU C 120 3.88 -4.64 14.86
CA LEU C 120 4.20 -5.03 13.49
C LEU C 120 5.47 -4.33 12.94
N GLN C 121 5.72 -3.09 13.38
CA GLN C 121 6.94 -2.37 12.97
C GLN C 121 8.18 -3.15 13.32
N GLU C 122 8.19 -3.82 14.48
CA GLU C 122 9.35 -4.62 14.90
C GLU C 122 9.45 -5.87 14.04
N VAL C 123 8.32 -6.47 13.67
CA VAL C 123 8.33 -7.63 12.76
C VAL C 123 8.95 -7.29 11.40
N PHE C 124 8.46 -6.24 10.72
CA PHE C 124 9.08 -5.90 9.39
C PHE C 124 10.57 -5.57 9.54
N GLN C 125 10.93 -4.88 10.64
CA GLN C 125 12.27 -4.51 10.94
C GLN C 125 13.17 -5.73 10.96
N LEU C 126 12.68 -6.86 11.44
CA LEU C 126 13.51 -8.08 11.45
C LEU C 126 14.00 -8.45 10.04
N PHE C 127 13.27 -8.02 9.03
CA PHE C 127 13.55 -8.48 7.67
C PHE C 127 14.12 -7.36 6.80
N ASP C 128 14.44 -6.20 7.41
CA ASP C 128 14.86 -5.05 6.61
C ASP C 128 16.30 -5.08 6.15
N ASN C 129 16.69 -4.03 5.41
CA ASN C 129 18.04 -3.99 4.87
C ASN C 129 19.11 -3.97 5.95
N ALA C 130 18.87 -3.37 7.11
CA ALA C 130 19.86 -3.36 8.20
C ALA C 130 20.01 -4.70 8.90
N ASN C 131 18.90 -5.35 9.26
CA ASN C 131 18.95 -6.51 10.14
C ASN C 131 19.01 -7.83 9.42
N CYS C 132 18.58 -7.84 8.14
CA CYS C 132 18.51 -9.07 7.37
C CYS C 132 19.25 -8.89 6.06
N PRO C 133 20.60 -8.82 6.12
CA PRO C 133 21.41 -8.61 4.90
C PRO C 133 21.22 -9.70 3.84
N SER C 134 20.91 -10.94 4.26
CA SER C 134 20.67 -12.03 3.31
C SER C 134 19.46 -11.73 2.38
N LEU C 135 18.54 -10.86 2.81
CA LEU C 135 17.36 -10.57 1.97
C LEU C 135 17.39 -9.19 1.25
N GLN C 136 18.49 -8.46 1.39
CA GLN C 136 18.60 -7.13 0.78
C GLN C 136 18.26 -7.19 -0.72
N ASN C 137 17.41 -6.25 -1.20
CA ASN C 137 16.98 -6.23 -2.60
C ASN C 137 16.17 -7.42 -3.10
N LYS C 138 15.87 -8.38 -2.23
CA LYS C 138 14.96 -9.48 -2.61
C LYS C 138 13.55 -9.06 -2.16
N PRO C 139 12.50 -9.47 -2.92
CA PRO C 139 11.12 -9.11 -2.54
C PRO C 139 10.68 -9.92 -1.28
N LYS C 140 10.05 -9.24 -0.32
CA LYS C 140 9.58 -9.87 0.92
C LYS C 140 8.11 -9.53 1.05
N MET C 141 7.28 -10.56 1.15
CA MET C 141 5.84 -10.45 1.22
C MET C 141 5.37 -10.73 2.62
N PHE C 142 4.43 -9.94 3.12
CA PHE C 142 3.80 -10.19 4.42
C PHE C 142 2.27 -10.18 4.22
N PHE C 143 1.57 -11.10 4.87
CA PHE C 143 0.13 -11.16 4.84
C PHE C 143 -0.34 -11.22 6.26
N ILE C 144 -1.20 -10.27 6.63
CA ILE C 144 -1.54 -10.11 8.02
C ILE C 144 -3.02 -10.18 8.18
N GLN C 145 -3.43 -11.34 8.71
CA GLN C 145 -4.84 -11.62 8.98
C GLN C 145 -5.01 -11.34 10.45
N ALA C 146 -5.51 -10.17 10.77
CA ALA C 146 -5.81 -9.79 12.14
C ALA C 146 -6.60 -8.49 12.10
N CYS C 147 -7.37 -8.22 13.15
CA CYS C 147 -8.14 -6.97 13.25
C CYS C 147 -7.20 -5.82 13.53
N ARG C 148 -7.59 -4.65 13.07
CA ARG C 148 -6.86 -3.45 13.40
C ARG C 148 -7.72 -2.48 14.21
N GLY C 149 -8.58 -3.02 15.07
CA GLY C 149 -9.53 -2.25 15.86
C GLY C 149 -10.81 -3.07 15.98
N ASP C 150 -11.80 -2.52 16.68
CA ASP C 150 -13.05 -3.28 16.92
C ASP C 150 -14.27 -2.58 16.36
N GLU C 151 -14.10 -1.47 15.67
CA GLU C 151 -15.23 -0.87 15.02
C GLU C 151 -15.69 -1.78 13.85
N THR C 152 -16.99 -2.09 13.83
CA THR C 152 -17.55 -2.84 12.73
C THR C 152 -17.99 -1.91 11.58
N ASP C 153 -17.84 -2.38 10.35
CA ASP C 153 -18.18 -1.53 9.20
C ASP C 153 -19.56 -1.94 8.75
N ARG C 154 -20.53 -1.09 9.06
CA ARG C 154 -21.92 -1.32 8.68
C ARG C 154 -22.15 -1.25 7.17
N GLY C 155 -21.20 -0.66 6.45
CA GLY C 155 -21.34 -0.46 5.02
C GLY C 155 -22.17 0.76 4.67
N VAL C 156 -22.27 1.03 3.37
CA VAL C 156 -23.14 2.12 2.90
C VAL C 156 -23.83 1.69 1.64
N ASP C 157 -25.04 2.21 1.45
CA ASP C 157 -25.83 1.98 0.22
C ASP C 157 -25.15 2.66 -0.99
N GLN C 158 -25.19 2.01 -2.15
CA GLN C 158 -24.74 2.66 -3.38
C GLN C 158 -25.68 3.79 -3.74
N GLN C 159 -25.14 5.01 -3.85
CA GLN C 159 -25.92 6.21 -4.17
C GLN C 159 -26.33 6.21 -5.63
N ASP C 160 -27.63 6.38 -5.87
CA ASP C 160 -28.17 6.73 -7.21
C ASP C 160 -28.03 8.21 -7.68
N LYS D 7 30.19 3.99 -2.79
CA LYS D 7 29.12 2.95 -3.07
C LYS D 7 27.73 3.40 -2.57
N MET D 8 26.77 3.31 -3.50
CA MET D 8 25.32 3.20 -3.27
C MET D 8 25.01 2.45 -1.96
N ARG D 9 24.22 3.13 -1.14
CA ARG D 9 23.72 2.57 0.08
C ARG D 9 22.27 2.27 -0.21
N LEU D 10 21.64 1.51 0.70
CA LEU D 10 20.22 1.25 0.71
C LEU D 10 19.50 2.07 1.79
N PRO D 11 18.22 2.43 1.55
CA PRO D 11 17.42 2.79 2.72
C PRO D 11 17.34 1.59 3.69
N THR D 12 16.98 1.88 4.91
CA THR D 12 16.87 0.89 5.94
C THR D 12 15.84 -0.20 5.57
N ARG D 13 14.75 0.21 4.91
CA ARG D 13 13.73 -0.72 4.53
C ARG D 13 13.22 -0.48 3.12
N SER D 14 13.08 -1.54 2.34
CA SER D 14 12.65 -1.45 0.95
C SER D 14 12.26 -2.84 0.45
N ASP D 15 11.58 -2.92 -0.71
CA ASP D 15 11.30 -4.20 -1.34
C ASP D 15 10.39 -5.13 -0.54
N MET D 16 9.40 -4.54 0.12
CA MET D 16 8.38 -5.29 0.91
C MET D 16 7.01 -4.94 0.39
N ILE D 17 6.14 -5.90 0.40
CA ILE D 17 4.76 -5.60 0.20
C ILE D 17 3.99 -6.27 1.37
N CYS D 18 3.13 -5.52 2.01
CA CYS D 18 2.31 -6.03 3.10
CA CYS D 18 2.33 -6.00 3.12
C CYS D 18 0.83 -5.95 2.77
N GLY D 19 0.19 -7.12 2.75
CA GLY D 19 -1.23 -7.24 2.56
C GLY D 19 -1.98 -7.29 3.90
N TYR D 20 -2.94 -6.40 4.07
CA TYR D 20 -3.71 -6.35 5.32
C TYR D 20 -5.11 -6.78 5.01
N ALA D 21 -5.66 -7.63 5.88
CA ALA D 21 -7.04 -8.07 5.76
C ALA D 21 -8.06 -6.95 5.92
N CYS D 22 -7.70 -5.88 6.65
CA CYS D 22 -8.67 -4.80 6.90
C CYS D 22 -7.98 -3.45 7.00
N LEU D 23 -8.72 -2.34 7.09
CA LEU D 23 -8.09 -0.99 7.27
C LEU D 23 -7.94 -0.63 8.73
N LYS D 24 -7.09 0.34 8.96
CA LYS D 24 -6.83 0.89 10.26
C LYS D 24 -8.14 1.25 10.96
N GLY D 25 -8.25 0.83 12.22
CA GLY D 25 -9.41 1.11 13.06
C GLY D 25 -10.54 0.11 12.88
N THR D 26 -10.40 -0.81 11.88
CA THR D 26 -11.47 -1.79 11.58
C THR D 26 -11.21 -3.30 11.85
N ALA D 27 -12.33 -4.05 11.82
CA ALA D 27 -12.33 -5.50 12.05
C ALA D 27 -12.05 -6.23 10.76
N ALA D 28 -11.26 -7.33 10.84
CA ALA D 28 -11.15 -8.30 9.73
C ALA D 28 -12.17 -9.38 9.97
N MET D 29 -12.85 -9.87 8.94
CA MET D 29 -13.91 -10.84 9.13
C MET D 29 -13.48 -12.30 8.87
N ARG D 30 -14.07 -13.22 9.62
CA ARG D 30 -13.70 -14.64 9.54
C ARG D 30 -14.93 -15.51 9.55
N ASN D 31 -15.04 -16.37 8.58
CA ASN D 31 -16.15 -17.23 8.58
C ASN D 31 -15.72 -18.47 9.34
N THR D 32 -16.56 -18.90 10.27
CA THR D 32 -16.29 -20.05 11.16
C THR D 32 -16.07 -21.40 10.48
N LYS D 33 -16.51 -21.57 9.22
CA LYS D 33 -16.26 -22.80 8.44
C LYS D 33 -15.37 -22.62 7.22
N ARG D 34 -15.45 -21.47 6.55
CA ARG D 34 -14.66 -21.19 5.37
C ARG D 34 -13.28 -20.51 5.68
N GLY D 35 -13.09 -20.00 6.90
CA GLY D 35 -11.90 -19.25 7.26
C GLY D 35 -12.06 -17.75 6.98
N SER D 36 -10.94 -17.04 7.03
CA SER D 36 -10.97 -15.60 6.85
C SER D 36 -11.33 -15.25 5.43
N TRP D 37 -12.11 -14.20 5.26
CA TRP D 37 -12.47 -13.73 3.94
C TRP D 37 -11.17 -13.42 3.14
N TYR D 38 -10.23 -12.73 3.79
CA TYR D 38 -8.99 -12.33 3.15
C TYR D 38 -8.11 -13.48 2.66
N ILE D 39 -7.78 -14.42 3.54
CA ILE D 39 -7.03 -15.64 3.19
C ILE D 39 -7.74 -16.46 2.11
N GLU D 40 -9.05 -16.60 2.23
CA GLU D 40 -9.85 -17.32 1.24
C GLU D 40 -9.69 -16.69 -0.15
N ALA D 41 -9.84 -15.36 -0.24
CA ALA D 41 -9.70 -14.60 -1.48
C ALA D 41 -8.22 -14.65 -2.06
N LEU D 42 -7.25 -14.47 -1.18
CA LEU D 42 -5.86 -14.48 -1.52
C LEU D 42 -5.51 -15.83 -2.16
N ALA D 43 -5.92 -16.93 -1.55
CA ALA D 43 -5.68 -18.24 -2.14
C ALA D 43 -6.37 -18.45 -3.48
N GLN D 44 -7.63 -18.03 -3.62
CA GLN D 44 -8.30 -18.18 -4.92
C GLN D 44 -7.58 -17.41 -6.00
N VAL D 45 -7.19 -16.16 -5.71
CA VAL D 45 -6.55 -15.34 -6.74
C VAL D 45 -5.14 -15.79 -7.08
N PHE D 46 -4.29 -16.02 -6.07
CA PHE D 46 -2.90 -16.42 -6.33
C PHE D 46 -2.89 -17.77 -7.03
N SER D 47 -3.74 -18.70 -6.61
CA SER D 47 -3.64 -20.04 -7.22
C SER D 47 -3.97 -19.96 -8.70
N GLU D 48 -4.95 -19.10 -9.06
CA GLU D 48 -5.31 -18.97 -10.49
C GLU D 48 -4.48 -17.95 -11.31
N ARG D 49 -3.98 -16.91 -10.66
CA ARG D 49 -3.39 -15.83 -11.39
C ARG D 49 -1.87 -15.63 -11.19
N ALA D 50 -1.22 -16.34 -10.29
CA ALA D 50 0.23 -16.19 -10.18
C ALA D 50 0.97 -16.46 -11.48
N CYS D 51 0.36 -17.29 -12.32
CA CYS D 51 0.91 -17.61 -13.66
C CYS D 51 1.08 -16.40 -14.58
N ASP D 52 0.27 -15.37 -14.44
CA ASP D 52 0.30 -14.28 -15.41
C ASP D 52 0.12 -12.89 -14.79
N MET D 53 0.14 -12.75 -13.49
CA MET D 53 -0.16 -11.43 -12.92
C MET D 53 0.80 -11.18 -11.78
N HIS D 54 1.31 -9.95 -11.63
CA HIS D 54 2.26 -9.75 -10.53
C HIS D 54 1.55 -9.60 -9.18
N VAL D 55 2.29 -9.68 -8.09
CA VAL D 55 1.67 -9.84 -6.79
C VAL D 55 0.84 -8.64 -6.39
N ALA D 56 1.34 -7.43 -6.61
CA ALA D 56 0.58 -6.21 -6.29
C ALA D 56 -0.73 -6.20 -7.09
N ASP D 57 -0.67 -6.54 -8.37
CA ASP D 57 -1.90 -6.63 -9.15
C ASP D 57 -2.83 -7.70 -8.62
N MET D 58 -2.28 -8.81 -8.08
CA MET D 58 -3.12 -9.87 -7.51
C MET D 58 -3.84 -9.40 -6.24
N LEU D 59 -3.15 -8.59 -5.44
CA LEU D 59 -3.76 -8.03 -4.22
C LEU D 59 -4.85 -7.01 -4.56
N VAL D 60 -4.81 -6.42 -5.74
CA VAL D 60 -5.89 -5.54 -6.19
C VAL D 60 -7.14 -6.40 -6.52
N LYS D 61 -6.94 -7.54 -7.15
CA LYS D 61 -8.05 -8.46 -7.42
C LYS D 61 -8.63 -8.98 -6.12
N VAL D 62 -7.76 -9.23 -5.14
CA VAL D 62 -8.20 -9.58 -3.82
C VAL D 62 -9.04 -8.46 -3.22
N ASN D 63 -8.54 -7.22 -3.23
CA ASN D 63 -9.33 -6.09 -2.76
C ASN D 63 -10.71 -6.10 -3.43
N ALA D 64 -10.80 -6.48 -4.69
CA ALA D 64 -12.09 -6.41 -5.37
C ALA D 64 -13.07 -7.47 -4.85
N LEU D 65 -12.57 -8.66 -4.53
CA LEU D 65 -13.43 -9.71 -3.98
C LEU D 65 -13.93 -9.31 -2.58
N ILE D 66 -13.03 -8.78 -1.76
CA ILE D 66 -13.38 -8.37 -0.42
C ILE D 66 -14.45 -7.28 -0.41
N LYS D 67 -14.26 -6.26 -1.24
CA LYS D 67 -15.16 -5.12 -1.34
C LYS D 67 -16.59 -5.58 -1.62
N ASP D 68 -16.71 -6.65 -2.38
CA ASP D 68 -18.01 -7.15 -2.74
C ASP D 68 -18.65 -8.10 -1.74
N ARG D 69 -17.83 -8.67 -0.85
CA ARG D 69 -18.30 -9.59 0.14
C ARG D 69 -19.13 -8.89 1.27
N GLU D 70 -20.07 -9.62 1.83
CA GLU D 70 -20.86 -9.07 2.90
C GLU D 70 -21.11 -10.10 4.04
N GLY D 71 -21.24 -9.60 5.27
CA GLY D 71 -21.34 -10.41 6.44
C GLY D 71 -22.67 -11.15 6.48
N TYR D 72 -22.63 -12.46 6.68
CA TYR D 72 -23.84 -13.17 7.00
C TYR D 72 -23.75 -13.65 8.47
N ALA D 73 -24.53 -13.04 9.35
CA ALA D 73 -24.51 -13.35 10.79
C ALA D 73 -25.72 -12.75 11.51
N PRO D 74 -26.93 -13.12 11.10
CA PRO D 74 -28.15 -12.48 11.61
C PRO D 74 -28.28 -12.63 13.13
N GLY D 75 -28.76 -11.56 13.77
CA GLY D 75 -28.98 -11.57 15.18
C GLY D 75 -27.72 -11.12 15.89
N THR D 76 -26.63 -10.94 15.14
CA THR D 76 -25.41 -10.40 15.73
C THR D 76 -25.11 -9.06 15.09
N GLU D 77 -24.09 -8.47 15.64
CA GLU D 77 -23.48 -7.22 15.27
C GLU D 77 -22.79 -7.15 13.85
N PHE D 78 -22.36 -8.30 13.32
CA PHE D 78 -21.74 -8.37 12.04
C PHE D 78 -22.67 -8.61 10.85
N HIS D 79 -23.98 -8.69 11.08
CA HIS D 79 -24.84 -9.08 9.98
C HIS D 79 -24.78 -7.99 8.87
N ARG D 80 -24.55 -8.39 7.63
CA ARG D 80 -24.46 -7.44 6.52
C ARG D 80 -23.26 -6.44 6.65
N CYS D 81 -22.30 -6.76 7.53
CA CYS D 81 -21.10 -5.91 7.70
C CYS D 81 -20.20 -5.99 6.45
N LYS D 82 -19.30 -5.02 6.32
CA LYS D 82 -18.37 -4.99 5.19
C LYS D 82 -16.93 -4.92 5.72
N GLU D 83 -15.96 -5.09 4.83
CA GLU D 83 -14.54 -4.99 5.16
C GLU D 83 -13.82 -4.49 3.92
N MET D 84 -12.65 -3.89 4.09
CA MET D 84 -11.86 -3.50 3.00
C MET D 84 -10.45 -3.90 3.32
N SER D 85 -9.85 -4.70 2.46
CA SER D 85 -8.45 -5.01 2.61
C SER D 85 -7.62 -3.95 1.89
N GLU D 86 -6.31 -3.91 2.14
CA GLU D 86 -5.43 -2.94 1.50
C GLU D 86 -4.06 -3.60 1.44
N TYR D 87 -3.18 -3.07 0.59
CA TYR D 87 -1.77 -3.48 0.66
C TYR D 87 -0.95 -2.20 0.67
N CYS D 88 0.21 -2.25 1.35
CA CYS D 88 1.21 -1.19 1.33
C CYS D 88 2.46 -1.74 0.71
N SER D 89 3.16 -0.95 -0.12
CA SER D 89 4.27 -1.49 -0.92
C SER D 89 5.46 -0.57 -1.03
N THR D 90 6.64 -1.13 -0.74
CA THR D 90 7.91 -0.49 -1.06
C THR D 90 8.61 -1.34 -2.15
N LEU D 91 7.87 -2.10 -2.94
CA LEU D 91 8.50 -2.83 -4.05
C LEU D 91 9.01 -1.81 -5.07
N CYS D 92 10.00 -2.21 -5.86
CA CYS D 92 10.65 -1.28 -6.80
C CYS D 92 10.58 -1.78 -8.25
N ARG D 93 9.89 -2.92 -8.47
CA ARG D 93 9.57 -3.45 -9.82
C ARG D 93 8.48 -4.48 -9.63
N HIS D 94 7.97 -5.03 -10.75
CA HIS D 94 7.00 -6.17 -10.72
C HIS D 94 7.51 -7.36 -9.92
N LEU D 95 6.62 -7.97 -9.17
CA LEU D 95 6.92 -9.22 -8.50
C LEU D 95 6.07 -10.36 -9.06
N TYR D 96 6.65 -11.09 -9.99
CA TYR D 96 6.07 -12.29 -10.57
C TYR D 96 6.63 -13.50 -9.87
N LEU D 97 5.74 -14.44 -9.53
CA LEU D 97 6.17 -15.61 -8.77
C LEU D 97 6.64 -16.75 -9.72
N PHE D 98 6.30 -16.63 -10.99
CA PHE D 98 6.65 -17.56 -12.04
C PHE D 98 6.42 -19.06 -11.65
N PRO D 99 5.22 -19.41 -11.19
CA PRO D 99 5.05 -20.81 -10.75
C PRO D 99 5.35 -21.79 -11.89
N GLY D 100 6.18 -22.78 -11.57
CA GLY D 100 6.41 -23.93 -12.46
C GLY D 100 7.37 -23.61 -13.58
N HIS D 101 8.02 -22.46 -13.52
CA HIS D 101 9.07 -22.20 -14.48
C HIS D 101 10.41 -22.06 -13.78
N PRO D 102 11.45 -22.77 -14.24
CA PRO D 102 11.45 -23.75 -15.34
C PRO D 102 10.85 -25.06 -14.84
N PRO D 103 10.28 -25.84 -15.76
CA PRO D 103 9.36 -26.93 -15.32
C PRO D 103 9.94 -27.98 -14.35
C ACE E 1 -19.92 -16.53 10.56
O ACE E 1 -18.89 -16.92 11.12
CH3 ACE E 1 -21.03 -17.51 10.22
N ASP E 2 -20.09 -15.25 10.23
CA ASP E 2 -18.98 -14.31 10.24
C ASP E 2 -18.79 -13.64 11.58
N VAL E 3 -17.55 -13.64 12.07
CA VAL E 3 -17.14 -13.06 13.36
C VAL E 3 -15.86 -12.28 13.06
N ALA E 4 -15.30 -11.60 14.08
CA ALA E 4 -14.20 -10.65 13.91
C ALA E 4 -12.95 -11.20 14.46
N ASA E 5 -11.84 -10.92 13.79
CA ASA E 5 -10.50 -11.12 14.31
C ASA E 5 -9.97 -9.90 15.09
O ASA E 5 -8.78 -9.81 15.45
CB ASA E 5 -9.55 -11.40 13.16
CG ASA E 5 -9.46 -12.83 12.84
OD1 ASA E 5 -9.11 -13.12 11.68
OD2 ASA E 5 -9.77 -13.66 13.77
C ACE F 1 20.06 20.44 0.26
O ACE F 1 18.96 21.04 0.24
CH3 ACE F 1 21.36 21.03 -0.27
N ASP F 2 20.13 19.15 0.58
CA ASP F 2 18.99 18.36 1.06
C ASP F 2 18.72 18.59 2.52
N VAL F 3 17.43 18.74 2.87
CA VAL F 3 16.97 18.88 4.25
C VAL F 3 15.72 18.03 4.43
N ALA F 4 15.24 17.94 5.67
CA ALA F 4 14.03 17.16 6.02
C ALA F 4 12.69 17.95 6.02
N ASA F 5 11.62 17.29 5.55
CA ASA F 5 10.21 17.77 5.74
C ASA F 5 9.60 17.50 7.15
O ASA F 5 8.35 17.27 7.31
CB ASA F 5 9.29 17.26 4.60
CG ASA F 5 9.23 18.23 3.43
OD1 ASA F 5 9.01 17.75 2.30
OD2 ASA F 5 9.38 19.46 3.63
#